data_2LSC
#
_entry.id   2LSC
#
_entity_poly.entity_id   1
_entity_poly.type   'polydeoxyribonucleotide'
_entity_poly.pdbx_seq_one_letter_code
;(CFL)(GFL)(CFL)(GFL)(A5O)(A5O)(UAR)(UAR)(CFL)(GFL)(CFL)(GFL)
;
_entity_poly.pdbx_strand_id   A,B
#